data_3R9J
#
_entry.id   3R9J
#
_cell.length_a   94.393
_cell.length_b   94.393
_cell.length_c   284.979
_cell.angle_alpha   90.000
_cell.angle_beta   90.000
_cell.angle_gamma   90.000
#
_symmetry.space_group_name_H-M   'P 43 21 2'
#
loop_
_entity.id
_entity.type
_entity.pdbx_description
1 polymer 'Septum site-determining protein minD'
2 polymer 'Cell division topological specificity factor'
3 non-polymer "ADENOSINE-5'-DIPHOSPHATE"
#
loop_
_entity_poly.entity_id
_entity_poly.type
_entity_poly.pdbx_seq_one_letter_code
_entity_poly.pdbx_strand_id
1 'polypeptide(L)'
;MARIIVVTSGKGGVGKTTSSAAIATGLAQKGKKTVVIDFAIGLRNLDLIMGCERRVVYDFVNVIQGDATLNQALIKDKRT
ENLYILPASQTRDKDALTREGVAKVLDDLKAMDFEFIVCDSPAGIETGALMALYFADEAIITTNPEVSSVRDSDRILGIL
ASKSRRAENGEEPIKEHLLLTRYNPGRVSRGDMLSMEDVLEILRIKLVGVIPEDQSVLRASNQGEPVILDINADAGKAYA
DTVERLLGEERPFRFIEEEK
;
A,B
2 'polypeptide(L)' KNTANIAKERLQNIVAERRRSDAEPHYLPQLRKDILEVICKYVQIDPEMVTVQLEQKDGDISILELNVTLPEAEELK C,D
#
# COMPACT_ATOMS: atom_id res chain seq x y z
N ALA A 2 -4.08 -20.87 -24.77
CA ALA A 2 -3.10 -20.50 -23.76
C ALA A 2 -3.70 -19.63 -22.68
N ARG A 3 -3.45 -19.98 -21.43
CA ARG A 3 -3.94 -19.23 -20.30
C ARG A 3 -2.90 -18.24 -19.86
N ILE A 4 -3.21 -16.94 -19.99
CA ILE A 4 -2.34 -15.86 -19.55
C ILE A 4 -2.71 -15.54 -18.09
N ILE A 5 -1.82 -15.84 -17.16
CA ILE A 5 -2.07 -15.60 -15.74
C ILE A 5 -1.20 -14.50 -15.16
N VAL A 6 -1.78 -13.39 -14.73
CA VAL A 6 -1.01 -12.33 -14.09
C VAL A 6 -0.93 -12.61 -12.58
N VAL A 7 0.26 -12.47 -12.00
CA VAL A 7 0.47 -12.55 -10.55
C VAL A 7 0.65 -11.10 -10.07
N THR A 8 -0.34 -10.53 -9.38
CA THR A 8 -0.33 -9.10 -9.01
C THR A 8 -0.48 -8.87 -7.49
N SER A 9 -0.54 -7.59 -7.00
CA SER A 9 -0.69 -7.37 -5.54
C SER A 9 -0.87 -5.92 -5.08
N GLY A 10 -0.21 -4.99 -5.76
CA GLY A 10 -0.21 -3.59 -5.32
C GLY A 10 0.90 -3.38 -4.30
N LYS A 11 0.78 -4.03 -3.13
CA LYS A 11 1.77 -3.96 -2.07
C LYS A 11 3.06 -4.63 -2.51
N GLY A 12 4.17 -4.01 -2.16
CA GLY A 12 5.48 -4.58 -2.42
C GLY A 12 5.87 -5.60 -1.37
N GLY A 13 6.65 -6.59 -1.78
CA GLY A 13 7.21 -7.64 -0.94
C GLY A 13 6.24 -8.59 -0.25
N VAL A 14 5.23 -9.07 -0.97
CA VAL A 14 4.24 -9.99 -0.43
C VAL A 14 4.51 -11.43 -0.87
N GLY A 15 5.22 -11.62 -1.97
CA GLY A 15 5.51 -12.95 -2.49
C GLY A 15 5.17 -13.18 -3.95
N LYS A 16 4.97 -12.11 -4.75
CA LYS A 16 4.66 -12.21 -6.18
C LYS A 16 5.69 -13.01 -6.95
N THR A 17 6.96 -12.64 -6.76
CA THR A 17 8.07 -13.29 -7.43
C THR A 17 8.20 -14.76 -6.99
N THR A 18 8.14 -15.03 -5.67
CA THR A 18 8.20 -16.37 -5.13
C THR A 18 7.09 -17.20 -5.75
N SER A 19 5.88 -16.63 -5.82
CA SER A 19 4.71 -17.32 -6.32
C SER A 19 4.74 -17.52 -7.82
N SER A 20 5.18 -16.50 -8.58
CA SER A 20 5.27 -16.60 -10.03
C SER A 20 6.24 -17.70 -10.41
N ALA A 21 7.34 -17.81 -9.66
CA ALA A 21 8.37 -18.79 -9.89
C ALA A 21 7.92 -20.19 -9.51
N ALA A 22 7.45 -20.37 -8.27
CA ALA A 22 7.00 -21.67 -7.82
C ALA A 22 5.84 -22.19 -8.71
N ILE A 23 4.86 -21.34 -9.04
CA ILE A 23 3.72 -21.75 -9.87
C ILE A 23 4.14 -22.10 -11.30
N ALA A 24 4.98 -21.28 -11.94
CA ALA A 24 5.42 -21.58 -13.31
C ALA A 24 6.14 -22.93 -13.35
N THR A 25 7.01 -23.18 -12.35
CA THR A 25 7.76 -24.42 -12.21
C THR A 25 6.82 -25.62 -12.04
N GLY A 26 5.91 -25.52 -11.06
CA GLY A 26 4.91 -26.54 -10.80
C GLY A 26 4.11 -26.93 -12.02
N LEU A 27 3.69 -25.94 -12.83
CA LEU A 27 2.96 -26.19 -14.07
C LEU A 27 3.85 -26.92 -15.08
N ALA A 28 5.13 -26.52 -15.17
CA ALA A 28 6.10 -27.17 -16.06
C ALA A 28 6.31 -28.60 -15.66
N GLN A 29 6.42 -28.86 -14.35
CA GLN A 29 6.57 -30.20 -13.81
C GLN A 29 5.42 -31.09 -14.25
N LYS A 30 4.20 -30.53 -14.28
CA LYS A 30 3.00 -31.26 -14.69
C LYS A 30 2.94 -31.45 -16.22
N GLY A 31 4.05 -31.20 -16.91
CA GLY A 31 4.14 -31.40 -18.35
C GLY A 31 3.56 -30.31 -19.22
N LYS A 32 3.08 -29.22 -18.60
CA LYS A 32 2.51 -28.10 -19.33
C LYS A 32 3.63 -27.13 -19.72
N LYS A 33 3.83 -26.91 -21.04
CA LYS A 33 4.85 -25.97 -21.52
C LYS A 33 4.52 -24.55 -21.04
N THR A 34 5.38 -24.00 -20.16
CA THR A 34 5.14 -22.72 -19.52
C THR A 34 6.25 -21.70 -19.67
N VAL A 35 5.88 -20.43 -19.81
CA VAL A 35 6.83 -19.34 -19.78
C VAL A 35 6.44 -18.35 -18.67
N VAL A 36 7.41 -17.86 -17.91
CA VAL A 36 7.14 -16.86 -16.88
C VAL A 36 7.88 -15.59 -17.30
N ILE A 37 7.16 -14.46 -17.38
CA ILE A 37 7.70 -13.18 -17.84
C ILE A 37 7.81 -12.15 -16.74
N ASP A 38 8.97 -11.50 -16.62
CA ASP A 38 9.15 -10.44 -15.65
C ASP A 38 8.72 -9.10 -16.28
N PHE A 39 7.64 -8.50 -15.75
CA PHE A 39 7.10 -7.24 -16.26
C PHE A 39 7.66 -6.00 -15.56
N ALA A 40 8.65 -6.17 -14.67
CA ALA A 40 9.23 -5.06 -13.93
C ALA A 40 9.98 -4.05 -14.81
N ILE A 41 10.02 -2.81 -14.33
CA ILE A 41 10.67 -1.70 -14.99
C ILE A 41 11.98 -1.31 -14.26
N GLY A 42 13.09 -1.86 -14.75
CA GLY A 42 14.40 -1.51 -14.24
C GLY A 42 14.90 -2.30 -13.05
N LEU A 43 14.07 -3.20 -12.53
CA LEU A 43 14.45 -4.06 -11.40
C LEU A 43 14.25 -5.49 -11.84
N ARG A 44 15.35 -6.22 -11.91
CA ARG A 44 15.37 -7.61 -12.34
C ARG A 44 15.35 -8.49 -11.09
N ASN A 45 14.17 -9.03 -10.71
CA ASN A 45 14.08 -9.89 -9.54
C ASN A 45 13.69 -11.34 -9.91
N LEU A 46 13.00 -11.57 -11.06
CA LEU A 46 12.61 -12.92 -11.48
C LEU A 46 13.81 -13.81 -11.78
N ASP A 47 14.76 -13.33 -12.59
CA ASP A 47 15.97 -14.07 -12.92
C ASP A 47 16.74 -14.46 -11.67
N LEU A 48 16.70 -13.63 -10.61
CA LEU A 48 17.39 -13.90 -9.36
C LEU A 48 16.76 -15.06 -8.60
N ILE A 49 15.43 -15.15 -8.63
CA ILE A 49 14.73 -16.21 -7.90
C ILE A 49 14.73 -17.53 -8.69
N MET A 50 14.75 -17.46 -10.02
CA MET A 50 14.80 -18.63 -10.91
C MET A 50 16.22 -19.19 -11.03
N GLY A 51 17.19 -18.41 -10.51
CA GLY A 51 18.61 -18.76 -10.51
C GLY A 51 19.30 -18.67 -11.85
N CYS A 52 18.82 -17.81 -12.73
CA CYS A 52 19.42 -17.69 -14.05
C CYS A 52 19.86 -16.24 -14.30
N GLU A 53 20.25 -15.51 -13.23
CA GLU A 53 20.65 -14.11 -13.33
C GLU A 53 21.84 -13.90 -14.25
N ARG A 54 22.64 -14.95 -14.44
CA ARG A 54 23.87 -14.87 -15.21
C ARG A 54 23.72 -15.33 -16.66
N ARG A 55 22.56 -15.90 -17.03
CA ARG A 55 22.33 -16.35 -18.40
C ARG A 55 21.48 -15.33 -19.16
N VAL A 56 21.18 -14.20 -18.52
CA VAL A 56 20.36 -13.16 -19.12
C VAL A 56 21.16 -12.40 -20.19
N VAL A 57 20.82 -12.61 -21.46
CA VAL A 57 21.47 -11.92 -22.57
C VAL A 57 20.55 -10.84 -23.10
N TYR A 58 19.37 -11.25 -23.56
CA TYR A 58 18.37 -10.32 -24.08
C TYR A 58 17.14 -10.39 -23.22
N ASP A 59 16.42 -9.26 -23.09
CA ASP A 59 15.24 -9.20 -22.25
C ASP A 59 13.97 -8.83 -23.02
N PHE A 60 12.90 -8.67 -22.26
CA PHE A 60 11.56 -8.41 -22.76
C PHE A 60 11.52 -7.20 -23.68
N VAL A 61 12.14 -6.09 -23.26
CA VAL A 61 12.18 -4.86 -24.05
C VAL A 61 13.05 -5.02 -25.31
N ASN A 62 14.11 -5.85 -25.23
CA ASN A 62 14.93 -6.10 -26.41
C ASN A 62 14.09 -6.76 -27.51
N VAL A 63 13.20 -7.70 -27.13
CA VAL A 63 12.33 -8.39 -28.09
C VAL A 63 11.31 -7.44 -28.69
N ILE A 64 10.75 -6.54 -27.88
CA ILE A 64 9.74 -5.58 -28.33
C ILE A 64 10.35 -4.60 -29.33
N GLN A 65 11.59 -4.16 -29.10
CA GLN A 65 12.23 -3.20 -29.99
C GLN A 65 12.99 -3.86 -31.17
N GLY A 66 12.76 -5.17 -31.39
CA GLY A 66 13.37 -5.92 -32.48
C GLY A 66 14.88 -6.06 -32.45
N ASP A 67 15.50 -5.94 -31.27
CA ASP A 67 16.95 -6.14 -31.12
C ASP A 67 17.25 -7.59 -30.88
N ALA A 68 16.21 -8.40 -30.66
CA ALA A 68 16.38 -9.82 -30.40
C ALA A 68 15.10 -10.59 -30.68
N THR A 69 15.23 -11.86 -31.04
CA THR A 69 14.08 -12.73 -31.27
C THR A 69 13.62 -13.30 -29.96
N LEU A 70 12.38 -13.81 -29.93
CA LEU A 70 11.87 -14.47 -28.74
C LEU A 70 12.77 -15.64 -28.37
N ASN A 71 13.32 -16.33 -29.39
CA ASN A 71 14.26 -17.43 -29.19
C ASN A 71 15.57 -16.98 -28.56
N GLN A 72 16.04 -15.78 -28.89
CA GLN A 72 17.28 -15.27 -28.32
C GLN A 72 17.10 -14.81 -26.86
N ALA A 73 15.91 -14.29 -26.51
CA ALA A 73 15.70 -13.77 -25.16
C ALA A 73 15.20 -14.83 -24.17
N LEU A 74 14.44 -15.83 -24.65
CA LEU A 74 13.94 -16.87 -23.76
C LEU A 74 15.08 -17.68 -23.19
N ILE A 75 15.02 -17.95 -21.90
CA ILE A 75 16.01 -18.74 -21.21
C ILE A 75 15.33 -20.05 -20.86
N LYS A 76 15.81 -21.18 -21.41
CA LYS A 76 15.23 -22.47 -21.07
C LYS A 76 15.81 -22.89 -19.75
N ASP A 77 14.94 -23.17 -18.76
CA ASP A 77 15.40 -23.61 -17.46
C ASP A 77 16.15 -24.93 -17.62
N LYS A 78 17.26 -25.08 -16.90
CA LYS A 78 18.10 -26.27 -17.00
C LYS A 78 17.64 -27.35 -16.02
N ARG A 79 17.03 -26.95 -14.90
CA ARG A 79 16.62 -27.84 -13.81
C ARG A 79 15.28 -28.52 -14.06
N THR A 80 14.34 -27.82 -14.69
CA THR A 80 13.01 -28.36 -14.95
C THR A 80 12.69 -28.36 -16.43
N GLU A 81 12.25 -29.51 -16.94
CA GLU A 81 11.83 -29.60 -18.31
C GLU A 81 10.52 -28.82 -18.48
N ASN A 82 10.28 -28.27 -19.70
CA ASN A 82 9.05 -27.57 -20.08
C ASN A 82 8.95 -26.12 -19.57
N LEU A 83 10.02 -25.59 -18.97
CA LEU A 83 9.98 -24.25 -18.36
C LEU A 83 10.91 -23.24 -19.03
N TYR A 84 10.40 -22.01 -19.24
CA TYR A 84 11.14 -20.92 -19.89
C TYR A 84 10.95 -19.61 -19.14
N ILE A 85 11.94 -18.71 -19.24
CA ILE A 85 11.90 -17.42 -18.56
C ILE A 85 12.18 -16.29 -19.52
N LEU A 86 11.35 -15.25 -19.52
CA LEU A 86 11.61 -14.05 -20.30
C LEU A 86 11.96 -12.95 -19.30
N PRO A 87 13.22 -12.49 -19.22
CA PRO A 87 13.55 -11.55 -18.13
C PRO A 87 13.24 -10.09 -18.42
N ALA A 88 13.18 -9.29 -17.35
CA ALA A 88 12.82 -7.87 -17.39
C ALA A 88 13.91 -6.98 -17.94
N SER A 89 13.51 -5.85 -18.54
CA SER A 89 14.47 -4.83 -18.95
C SER A 89 15.09 -4.15 -17.68
N GLN A 90 16.23 -3.48 -17.87
CA GLN A 90 16.91 -2.80 -16.75
C GLN A 90 17.10 -1.29 -17.02
N THR A 91 16.21 -0.71 -17.82
CA THR A 91 16.23 0.73 -18.10
C THR A 91 15.23 1.40 -17.18
N ARG A 92 15.44 2.69 -16.84
CA ARG A 92 14.49 3.43 -16.00
C ARG A 92 13.30 3.92 -16.91
N ASP A 93 13.33 3.67 -18.27
CA ASP A 93 12.29 4.09 -19.24
C ASP A 93 10.94 3.38 -19.06
N LYS A 94 9.96 4.17 -18.57
CA LYS A 94 8.58 3.77 -18.33
C LYS A 94 7.85 3.41 -19.64
N ASP A 95 8.09 4.16 -20.72
CA ASP A 95 7.51 3.96 -22.04
C ASP A 95 7.75 2.57 -22.57
N ALA A 96 9.04 2.15 -22.60
CA ALA A 96 9.58 0.93 -23.17
C ALA A 96 8.54 -0.18 -23.48
N LEU A 97 7.77 -0.59 -22.47
CA LEU A 97 6.74 -1.63 -22.58
C LEU A 97 5.48 -1.05 -23.24
N THR A 98 5.27 -1.34 -24.53
CA THR A 98 4.08 -0.84 -25.23
C THR A 98 2.99 -1.89 -25.25
N ARG A 99 1.73 -1.44 -25.30
CA ARG A 99 0.55 -2.31 -25.39
C ARG A 99 0.63 -3.16 -26.66
N GLU A 100 1.01 -2.55 -27.77
CA GLU A 100 1.11 -3.24 -29.04
C GLU A 100 2.28 -4.21 -29.02
N GLY A 101 3.35 -3.81 -28.35
CA GLY A 101 4.56 -4.60 -28.20
C GLY A 101 4.34 -5.86 -27.40
N VAL A 102 3.70 -5.72 -26.24
CA VAL A 102 3.40 -6.83 -25.35
C VAL A 102 2.43 -7.81 -26.04
N ALA A 103 1.44 -7.29 -26.76
CA ALA A 103 0.46 -8.11 -27.45
C ALA A 103 1.13 -8.99 -28.51
N LYS A 104 2.09 -8.41 -29.26
CA LYS A 104 2.83 -9.10 -30.30
C LYS A 104 3.64 -10.27 -29.70
N VAL A 105 4.32 -10.02 -28.57
CA VAL A 105 5.08 -11.04 -27.85
C VAL A 105 4.17 -12.19 -27.42
N LEU A 106 3.01 -11.85 -26.81
CA LEU A 106 2.07 -12.87 -26.32
C LEU A 106 1.55 -13.74 -27.45
N ASP A 107 1.29 -13.16 -28.63
CA ASP A 107 0.81 -13.95 -29.77
C ASP A 107 1.90 -14.90 -30.25
N ASP A 108 3.16 -14.43 -30.30
CA ASP A 108 4.29 -15.28 -30.68
C ASP A 108 4.43 -16.46 -29.73
N LEU A 109 4.21 -16.23 -28.44
CA LEU A 109 4.31 -17.28 -27.44
C LEU A 109 3.22 -18.32 -27.61
N LYS A 110 1.97 -17.88 -27.91
CA LYS A 110 0.86 -18.80 -28.18
C LYS A 110 1.22 -19.65 -29.41
N ALA A 111 1.85 -19.00 -30.42
CA ALA A 111 2.28 -19.66 -31.66
C ALA A 111 3.38 -20.67 -31.40
N MET A 112 4.18 -20.48 -30.34
CA MET A 112 5.23 -21.41 -29.98
C MET A 112 4.67 -22.55 -29.13
N ASP A 113 3.35 -22.60 -28.97
CA ASP A 113 2.62 -23.66 -28.26
C ASP A 113 2.78 -23.65 -26.74
N PHE A 114 2.96 -22.46 -26.15
CA PHE A 114 2.97 -22.37 -24.69
C PHE A 114 1.53 -22.51 -24.19
N GLU A 115 1.32 -23.38 -23.20
CA GLU A 115 0.00 -23.57 -22.61
C GLU A 115 -0.27 -22.51 -21.55
N PHE A 116 0.78 -22.13 -20.81
CA PHE A 116 0.67 -21.19 -19.72
C PHE A 116 1.68 -20.09 -19.85
N ILE A 117 1.18 -18.85 -19.84
CA ILE A 117 2.02 -17.66 -19.85
C ILE A 117 1.84 -16.97 -18.51
N VAL A 118 2.78 -17.15 -17.59
CA VAL A 118 2.70 -16.55 -16.26
C VAL A 118 3.34 -15.16 -16.29
N CYS A 119 2.57 -14.11 -16.00
CA CYS A 119 3.06 -12.73 -15.99
C CYS A 119 3.40 -12.28 -14.56
N ASP A 120 4.70 -12.22 -14.23
CA ASP A 120 5.13 -11.75 -12.92
C ASP A 120 5.08 -10.23 -12.88
N SER A 121 4.00 -9.67 -12.36
CA SER A 121 3.82 -8.24 -12.29
C SER A 121 4.66 -7.58 -11.21
N PRO A 122 5.07 -6.33 -11.47
CA PRO A 122 5.70 -5.53 -10.40
C PRO A 122 4.65 -4.99 -9.39
N ALA A 123 5.13 -4.31 -8.32
CA ALA A 123 4.27 -3.66 -7.33
C ALA A 123 3.63 -2.43 -7.98
N GLY A 124 2.70 -1.81 -7.28
CA GLY A 124 2.08 -0.58 -7.74
C GLY A 124 0.86 -0.78 -8.61
N ILE A 125 0.37 0.35 -9.11
CA ILE A 125 -0.84 0.45 -9.92
C ILE A 125 -0.50 1.25 -11.21
N GLU A 126 0.79 1.61 -11.36
CA GLU A 126 1.34 2.44 -12.41
C GLU A 126 1.42 1.71 -13.79
N THR A 127 2.59 1.79 -14.44
CA THR A 127 2.80 1.30 -15.80
C THR A 127 2.98 -0.22 -15.92
N GLY A 128 4.06 -0.74 -15.34
CA GLY A 128 4.44 -2.14 -15.42
C GLY A 128 3.35 -3.10 -14.96
N ALA A 129 2.63 -2.70 -13.88
CA ALA A 129 1.56 -3.49 -13.25
C ALA A 129 0.32 -3.48 -14.13
N LEU A 130 0.00 -2.32 -14.69
CA LEU A 130 -1.14 -2.20 -15.58
C LEU A 130 -0.93 -3.06 -16.84
N MET A 131 0.29 -3.05 -17.38
CA MET A 131 0.66 -3.81 -18.57
C MET A 131 0.58 -5.33 -18.39
N ALA A 132 0.88 -5.81 -17.18
CA ALA A 132 0.89 -7.24 -16.87
C ALA A 132 -0.51 -7.80 -16.74
N LEU A 133 -1.48 -6.98 -16.29
CA LEU A 133 -2.85 -7.47 -16.08
C LEU A 133 -3.72 -7.23 -17.30
N TYR A 134 -3.38 -6.20 -18.10
CA TYR A 134 -4.15 -5.82 -19.27
C TYR A 134 -4.62 -7.00 -20.15
N PHE A 135 -3.74 -7.95 -20.48
CA PHE A 135 -4.11 -9.07 -21.36
C PHE A 135 -4.42 -10.34 -20.63
N ALA A 136 -4.47 -10.30 -19.32
CA ALA A 136 -4.68 -11.49 -18.52
C ALA A 136 -6.04 -12.12 -18.73
N ASP A 137 -6.09 -13.44 -18.55
CA ASP A 137 -7.32 -14.22 -18.54
C ASP A 137 -7.63 -14.49 -17.09
N GLU A 138 -6.58 -14.53 -16.26
CA GLU A 138 -6.72 -14.75 -14.83
C GLU A 138 -5.76 -13.90 -14.04
N ALA A 139 -6.10 -13.59 -12.79
CA ALA A 139 -5.27 -12.80 -11.90
C ALA A 139 -5.13 -13.51 -10.59
N ILE A 140 -3.91 -13.62 -10.10
CA ILE A 140 -3.64 -14.19 -8.80
C ILE A 140 -3.27 -12.99 -7.91
N ILE A 141 -4.21 -12.55 -7.06
CA ILE A 141 -3.99 -11.43 -6.15
C ILE A 141 -3.22 -11.96 -4.93
N THR A 142 -1.94 -11.59 -4.81
CA THR A 142 -1.05 -12.07 -3.76
C THR A 142 -1.11 -11.14 -2.55
N THR A 143 -1.46 -11.70 -1.38
CA THR A 143 -1.72 -10.93 -0.16
C THR A 143 -1.15 -11.53 1.10
N ASN A 144 -0.74 -10.68 2.05
CA ASN A 144 -0.34 -11.11 3.38
C ASN A 144 -1.42 -10.81 4.37
N PRO A 145 -1.47 -11.52 5.51
CA PRO A 145 -2.46 -11.17 6.55
C PRO A 145 -1.98 -9.92 7.29
N GLU A 146 -1.90 -8.80 6.56
CA GLU A 146 -1.39 -7.54 7.09
C GLU A 146 -2.19 -6.38 6.48
N VAL A 147 -2.31 -5.30 7.25
CA VAL A 147 -3.17 -4.16 6.95
C VAL A 147 -2.84 -3.39 5.63
N SER A 148 -1.57 -3.09 5.37
CA SER A 148 -1.13 -2.40 4.15
C SER A 148 -1.41 -3.25 2.90
N SER A 149 -1.14 -4.57 3.00
CA SER A 149 -1.30 -5.51 1.90
C SER A 149 -2.74 -5.72 1.53
N VAL A 150 -3.62 -5.87 2.53
CA VAL A 150 -5.03 -6.03 2.26
C VAL A 150 -5.59 -4.72 1.65
N ARG A 151 -5.16 -3.54 2.14
CA ARG A 151 -5.63 -2.28 1.58
C ARG A 151 -5.22 -2.14 0.12
N ASP A 152 -3.95 -2.47 -0.21
CA ASP A 152 -3.42 -2.32 -1.57
C ASP A 152 -3.97 -3.37 -2.54
N SER A 153 -4.33 -4.58 -2.04
CA SER A 153 -4.95 -5.61 -2.87
C SER A 153 -6.34 -5.16 -3.27
N ASP A 154 -7.05 -4.48 -2.35
CA ASP A 154 -8.37 -3.99 -2.69
C ASP A 154 -8.29 -2.96 -3.80
N ARG A 155 -7.27 -2.08 -3.77
CA ARG A 155 -7.10 -1.05 -4.80
C ARG A 155 -6.92 -1.74 -6.16
N ILE A 156 -6.10 -2.80 -6.19
CA ILE A 156 -5.82 -3.61 -7.38
C ILE A 156 -7.09 -4.28 -7.93
N LEU A 157 -8.00 -4.72 -7.05
CA LEU A 157 -9.23 -5.34 -7.51
C LEU A 157 -10.11 -4.33 -8.22
N GLY A 158 -10.08 -3.07 -7.75
CA GLY A 158 -10.79 -1.95 -8.34
C GLY A 158 -10.29 -1.69 -9.75
N ILE A 159 -8.97 -1.80 -9.97
CA ILE A 159 -8.39 -1.62 -11.29
C ILE A 159 -8.71 -2.83 -12.19
N LEU A 160 -8.63 -4.07 -11.67
CA LEU A 160 -8.95 -5.25 -12.48
C LEU A 160 -10.39 -5.22 -12.96
N ALA A 161 -11.29 -4.60 -12.18
CA ALA A 161 -12.72 -4.54 -12.45
C ALA A 161 -13.14 -3.37 -13.32
N SER A 162 -12.26 -2.41 -13.57
CA SER A 162 -12.63 -1.25 -14.37
C SER A 162 -11.69 -1.02 -15.56
N GLY A 170 -17.40 -6.97 -23.41
CA GLY A 170 -16.72 -7.61 -24.53
C GLY A 170 -16.63 -9.12 -24.41
N GLU A 171 -15.97 -9.62 -23.33
CA GLU A 171 -15.80 -11.06 -23.11
C GLU A 171 -15.75 -11.42 -21.64
N GLU A 172 -15.70 -12.75 -21.41
CA GLU A 172 -15.55 -13.39 -20.12
C GLU A 172 -14.53 -12.58 -19.29
N PRO A 173 -14.95 -12.01 -18.15
CA PRO A 173 -14.03 -11.17 -17.35
C PRO A 173 -12.84 -11.91 -16.73
N ILE A 174 -11.80 -11.16 -16.30
CA ILE A 174 -10.62 -11.74 -15.65
C ILE A 174 -11.07 -12.59 -14.47
N LYS A 175 -10.68 -13.88 -14.48
CA LYS A 175 -11.00 -14.81 -13.40
C LYS A 175 -10.06 -14.46 -12.24
N GLU A 176 -10.58 -14.05 -11.07
CA GLU A 176 -9.73 -13.62 -9.95
C GLU A 176 -9.58 -14.65 -8.86
N HIS A 177 -8.36 -14.77 -8.32
CA HIS A 177 -8.04 -15.72 -7.25
C HIS A 177 -7.20 -15.07 -6.18
N LEU A 178 -7.43 -15.45 -4.93
CA LEU A 178 -6.65 -14.95 -3.81
C LEU A 178 -5.58 -15.95 -3.43
N LEU A 179 -4.33 -15.52 -3.42
CA LEU A 179 -3.22 -16.32 -2.95
C LEU A 179 -2.76 -15.72 -1.63
N LEU A 180 -3.25 -16.26 -0.51
CA LEU A 180 -2.90 -15.75 0.81
C LEU A 180 -1.54 -16.28 1.16
N THR A 181 -0.59 -15.38 1.39
CA THR A 181 0.78 -15.82 1.55
C THR A 181 1.40 -15.37 2.87
N ARG A 182 2.37 -16.16 3.36
CA ARG A 182 3.06 -15.92 4.63
C ARG A 182 2.08 -16.07 5.78
N TYR A 183 1.22 -17.08 5.70
CA TYR A 183 0.22 -17.35 6.73
C TYR A 183 0.86 -18.05 7.94
N ASN A 184 0.34 -17.81 9.14
CA ASN A 184 0.87 -18.38 10.38
C ASN A 184 -0.30 -18.73 11.33
N PRO A 185 -0.80 -19.98 11.23
CA PRO A 185 -2.00 -20.37 12.01
C PRO A 185 -1.88 -20.12 13.50
N GLY A 186 -0.68 -20.32 14.07
CA GLY A 186 -0.39 -20.08 15.47
C GLY A 186 -0.59 -18.63 15.84
N ARG A 187 -0.12 -17.75 14.98
CA ARG A 187 -0.29 -16.31 15.18
C ARG A 187 -1.76 -15.92 15.11
N VAL A 188 -2.52 -16.59 14.23
CA VAL A 188 -3.94 -16.30 14.06
C VAL A 188 -4.69 -16.65 15.34
N SER A 189 -4.42 -17.82 15.93
CA SER A 189 -5.15 -18.25 17.11
C SER A 189 -4.79 -17.46 18.37
N ARG A 190 -3.57 -16.89 18.45
CA ARG A 190 -3.21 -16.03 19.58
C ARG A 190 -3.78 -14.61 19.38
N GLY A 191 -4.54 -14.43 18.30
CA GLY A 191 -5.17 -13.16 17.96
C GLY A 191 -4.22 -12.07 17.47
N ASP A 192 -3.06 -12.45 16.94
CA ASP A 192 -2.10 -11.45 16.46
C ASP A 192 -2.12 -11.26 14.96
N MET A 193 -2.81 -12.12 14.22
CA MET A 193 -2.78 -12.06 12.78
C MET A 193 -4.16 -12.30 12.21
N LEU A 194 -4.52 -11.48 11.21
CA LEU A 194 -5.75 -11.66 10.47
C LEU A 194 -5.82 -13.10 9.99
N SER A 195 -6.96 -13.74 10.16
CA SER A 195 -7.15 -15.11 9.72
C SER A 195 -7.46 -15.16 8.24
N MET A 196 -7.40 -16.36 7.68
CA MET A 196 -7.76 -16.59 6.30
C MET A 196 -9.18 -16.07 6.04
N GLU A 197 -10.11 -16.37 6.95
CA GLU A 197 -11.51 -15.96 6.82
C GLU A 197 -11.68 -14.46 6.92
N ASP A 198 -10.93 -13.79 7.80
CA ASP A 198 -10.99 -12.33 7.87
C ASP A 198 -10.63 -11.73 6.54
N VAL A 199 -9.59 -12.26 5.87
CA VAL A 199 -9.12 -11.74 4.60
C VAL A 199 -10.14 -12.01 3.49
N LEU A 200 -10.82 -13.15 3.52
CA LEU A 200 -11.83 -13.42 2.52
C LEU A 200 -13.08 -12.57 2.70
N GLU A 201 -13.44 -12.27 3.95
CA GLU A 201 -14.62 -11.44 4.20
C GLU A 201 -14.34 -10.01 3.67
N ILE A 202 -13.07 -9.59 3.58
CA ILE A 202 -12.76 -8.26 3.07
C ILE A 202 -12.60 -8.25 1.54
N LEU A 203 -11.65 -9.03 1.00
CA LEU A 203 -11.43 -9.15 -0.45
C LEU A 203 -12.26 -10.32 -0.90
N ARG A 204 -13.48 -10.08 -1.34
CA ARG A 204 -14.39 -11.19 -1.56
C ARG A 204 -14.18 -11.91 -2.89
N ILE A 205 -13.14 -12.74 -2.94
CA ILE A 205 -12.78 -13.52 -4.12
C ILE A 205 -12.42 -14.95 -3.72
N LYS A 206 -12.38 -15.85 -4.71
CA LYS A 206 -12.11 -17.28 -4.53
C LYS A 206 -10.69 -17.54 -4.08
N LEU A 207 -10.53 -18.32 -3.00
CA LEU A 207 -9.20 -18.70 -2.51
C LEU A 207 -8.60 -19.75 -3.44
N VAL A 208 -7.36 -19.54 -3.88
CA VAL A 208 -6.68 -20.50 -4.75
C VAL A 208 -5.50 -21.16 -4.04
N GLY A 209 -4.96 -20.53 -3.00
CA GLY A 209 -3.87 -21.12 -2.25
C GLY A 209 -3.55 -20.38 -0.97
N VAL A 210 -2.92 -21.08 -0.03
CA VAL A 210 -2.46 -20.49 1.22
C VAL A 210 -1.04 -20.96 1.42
N ILE A 211 -0.08 -20.04 1.39
CA ILE A 211 1.32 -20.38 1.54
C ILE A 211 1.76 -20.10 2.96
N PRO A 212 2.16 -21.13 3.72
CA PRO A 212 2.60 -20.84 5.09
C PRO A 212 3.91 -20.12 5.13
N GLU A 213 4.13 -19.33 6.21
CA GLU A 213 5.42 -18.75 6.51
C GLU A 213 6.35 -19.93 6.60
N ASP A 214 7.43 -19.90 5.84
CA ASP A 214 8.33 -21.06 5.84
C ASP A 214 9.77 -20.62 5.77
N GLN A 215 10.61 -21.18 6.63
CA GLN A 215 12.02 -20.84 6.60
C GLN A 215 12.70 -21.36 5.33
N SER A 216 12.00 -22.20 4.55
CA SER A 216 12.53 -22.76 3.30
C SER A 216 12.58 -21.73 2.18
N VAL A 217 11.74 -20.67 2.26
CA VAL A 217 11.66 -19.66 1.21
C VAL A 217 12.92 -18.81 1.18
N LEU A 218 13.48 -18.42 2.33
CA LEU A 218 14.72 -17.65 2.32
C LEU A 218 15.86 -18.50 1.75
N ARG A 219 15.94 -19.78 2.15
CA ARG A 219 16.95 -20.71 1.66
C ARG A 219 16.81 -20.94 0.16
N ALA A 220 15.56 -20.91 -0.37
CA ALA A 220 15.32 -21.11 -1.79
C ALA A 220 15.80 -19.93 -2.62
N SER A 221 15.48 -18.67 -2.25
CA SER A 221 15.97 -17.53 -3.03
C SER A 221 17.49 -17.36 -2.88
N ASN A 222 18.07 -17.79 -1.73
CA ASN A 222 19.53 -17.76 -1.53
C ASN A 222 20.23 -18.56 -2.62
N GLN A 223 19.67 -19.73 -2.98
CA GLN A 223 20.18 -20.62 -4.02
C GLN A 223 19.71 -20.31 -5.42
N GLY A 224 18.65 -19.51 -5.56
CA GLY A 224 18.05 -19.26 -6.87
C GLY A 224 17.31 -20.50 -7.34
N GLU A 225 16.59 -21.15 -6.42
CA GLU A 225 15.85 -22.38 -6.67
C GLU A 225 14.42 -22.21 -6.14
N PRO A 226 13.43 -22.08 -7.06
CA PRO A 226 12.02 -21.89 -6.63
C PRO A 226 11.63 -22.89 -5.56
N VAL A 227 10.87 -22.46 -4.55
CA VAL A 227 10.58 -23.24 -3.35
C VAL A 227 9.77 -24.52 -3.60
N ILE A 228 9.11 -24.65 -4.75
CA ILE A 228 8.35 -25.87 -5.03
C ILE A 228 9.31 -27.06 -5.25
N LEU A 229 10.57 -26.79 -5.63
CA LEU A 229 11.57 -27.81 -5.88
C LEU A 229 12.11 -28.45 -4.61
N ASP A 230 11.85 -27.83 -3.45
CA ASP A 230 12.26 -28.37 -2.16
C ASP A 230 11.09 -29.22 -1.66
N ILE A 231 11.20 -30.53 -1.87
CA ILE A 231 10.12 -31.48 -1.59
C ILE A 231 9.77 -31.62 -0.09
N ASN A 232 10.60 -31.07 0.79
CA ASN A 232 10.34 -31.08 2.22
C ASN A 232 9.74 -29.77 2.74
N ALA A 233 9.68 -28.73 1.90
CA ALA A 233 9.18 -27.41 2.30
C ALA A 233 7.67 -27.32 2.29
N ASP A 234 7.08 -26.86 3.40
CA ASP A 234 5.62 -26.71 3.47
C ASP A 234 5.12 -25.70 2.44
N ALA A 235 5.88 -24.61 2.25
CA ALA A 235 5.54 -23.61 1.24
C ALA A 235 5.55 -24.25 -0.14
N GLY A 236 6.48 -25.19 -0.37
CA GLY A 236 6.56 -25.91 -1.63
C GLY A 236 5.34 -26.74 -1.89
N LYS A 237 4.93 -27.51 -0.89
CA LYS A 237 3.74 -28.35 -0.99
C LYS A 237 2.48 -27.51 -1.23
N ALA A 238 2.33 -26.35 -0.54
CA ALA A 238 1.15 -25.49 -0.70
C ALA A 238 1.10 -24.88 -2.10
N TYR A 239 2.28 -24.66 -2.73
CA TYR A 239 2.37 -24.16 -4.10
C TYR A 239 2.00 -25.27 -5.08
N ALA A 240 2.36 -26.53 -4.76
CA ALA A 240 1.98 -27.67 -5.61
C ALA A 240 0.45 -27.87 -5.57
N ASP A 241 -0.19 -27.61 -4.39
CA ASP A 241 -1.64 -27.66 -4.26
C ASP A 241 -2.27 -26.58 -5.12
N THR A 242 -1.74 -25.34 -5.04
CA THR A 242 -2.21 -24.22 -5.85
C THR A 242 -2.21 -24.59 -7.34
N VAL A 243 -1.10 -25.18 -7.83
CA VAL A 243 -0.96 -25.60 -9.22
C VAL A 243 -2.08 -26.60 -9.57
N GLU A 244 -2.37 -27.57 -8.68
CA GLU A 244 -3.47 -28.50 -8.89
C GLU A 244 -4.79 -27.77 -9.06
N ARG A 245 -5.05 -26.77 -8.22
CA ARG A 245 -6.29 -26.00 -8.27
C ARG A 245 -6.40 -25.18 -9.55
N LEU A 246 -5.26 -24.72 -10.08
CA LEU A 246 -5.24 -23.98 -11.32
C LEU A 246 -5.51 -24.89 -12.49
N LEU A 247 -5.21 -26.19 -12.34
CA LEU A 247 -5.42 -27.18 -13.37
C LEU A 247 -6.83 -27.79 -13.28
N GLY A 248 -7.63 -27.30 -12.32
CA GLY A 248 -9.02 -27.68 -12.14
C GLY A 248 -9.35 -28.74 -11.11
N GLU A 249 -8.33 -29.21 -10.38
CA GLU A 249 -8.50 -30.24 -9.36
C GLU A 249 -8.76 -29.64 -8.00
N GLU A 250 -9.82 -30.07 -7.32
CA GLU A 250 -10.04 -29.58 -5.95
C GLU A 250 -9.02 -30.24 -5.03
N ARG A 251 -8.53 -29.49 -4.04
CA ARG A 251 -7.57 -29.96 -3.05
C ARG A 251 -7.88 -29.32 -1.72
N PRO A 252 -7.89 -30.09 -0.62
CA PRO A 252 -8.14 -29.47 0.68
C PRO A 252 -6.98 -28.53 1.04
N PHE A 253 -7.31 -27.46 1.75
CA PHE A 253 -6.34 -26.45 2.14
C PHE A 253 -5.54 -26.91 3.33
N ARG A 254 -4.24 -27.13 3.11
CA ARG A 254 -3.32 -27.54 4.16
C ARG A 254 -2.68 -26.35 4.79
N PHE A 255 -2.10 -26.54 6.00
CA PHE A 255 -1.35 -25.52 6.73
C PHE A 255 -2.22 -24.29 7.08
N ILE A 256 -3.50 -24.52 7.39
CA ILE A 256 -4.40 -23.45 7.83
C ILE A 256 -4.70 -23.63 9.33
N GLU A 257 -4.51 -24.85 9.84
CA GLU A 257 -4.65 -25.18 11.26
C GLU A 257 -3.29 -25.57 11.79
N GLU A 258 -3.04 -25.38 13.08
CA GLU A 258 -1.73 -25.67 13.65
C GLU A 258 -1.62 -27.07 14.24
N ALA B 2 16.97 22.56 8.97
CA ALA B 2 16.14 21.35 8.92
C ALA B 2 16.79 20.24 8.13
N ARG B 3 16.80 19.05 8.71
CA ARG B 3 17.36 17.88 8.07
C ARG B 3 16.28 17.13 7.33
N ILE B 4 16.38 17.07 6.00
CA ILE B 4 15.46 16.32 5.14
C ILE B 4 16.02 14.92 5.00
N ILE B 5 15.34 13.93 5.57
CA ILE B 5 15.80 12.54 5.50
C ILE B 5 14.89 11.67 4.66
N VAL B 6 15.39 11.13 3.54
CA VAL B 6 14.60 10.20 2.74
C VAL B 6 14.80 8.79 3.25
N VAL B 7 13.72 8.03 3.38
CA VAL B 7 13.76 6.60 3.71
C VAL B 7 13.47 5.85 2.41
N THR B 8 14.47 5.20 1.80
CA THR B 8 14.32 4.59 0.46
C THR B 8 14.70 3.11 0.45
N SER B 9 14.65 2.41 -0.73
CA SER B 9 15.00 0.97 -0.75
C SER B 9 15.06 0.30 -2.13
N GLY B 10 14.20 0.71 -3.04
CA GLY B 10 14.08 0.04 -4.34
C GLY B 10 13.14 -1.15 -4.22
N LYS B 11 13.54 -2.15 -3.41
CA LYS B 11 12.73 -3.33 -3.17
C LYS B 11 11.49 -2.98 -2.36
N GLY B 12 10.37 -3.58 -2.73
CA GLY B 12 9.12 -3.40 -2.01
C GLY B 12 9.06 -4.31 -0.79
N GLY B 13 8.36 -3.84 0.23
CA GLY B 13 8.10 -4.58 1.47
C GLY B 13 9.28 -4.94 2.35
N VAL B 14 10.21 -4.01 2.55
CA VAL B 14 11.41 -4.24 3.37
C VAL B 14 11.27 -3.59 4.76
N GLY B 15 10.41 -2.61 4.88
CA GLY B 15 10.21 -1.90 6.14
C GLY B 15 10.33 -0.39 6.08
N LYS B 16 10.23 0.23 4.88
CA LYS B 16 10.33 1.70 4.71
C LYS B 16 9.30 2.43 5.54
N THR B 17 8.04 2.01 5.42
CA THR B 17 6.92 2.62 6.12
C THR B 17 7.08 2.44 7.64
N THR B 18 7.38 1.20 8.09
CA THR B 18 7.60 0.91 9.50
C THR B 18 8.70 1.80 10.03
N SER B 19 9.79 1.95 9.27
CA SER B 19 10.95 2.72 9.67
C SER B 19 10.70 4.21 9.65
N SER B 20 10.01 4.70 8.62
CA SER B 20 9.69 6.12 8.50
C SER B 20 8.84 6.55 9.67
N ALA B 21 7.89 5.69 10.06
CA ALA B 21 6.97 5.95 11.16
C ALA B 21 7.66 5.88 12.50
N ALA B 22 8.34 4.77 12.79
CA ALA B 22 9.04 4.63 14.05
C ALA B 22 10.09 5.74 14.25
N ILE B 23 10.88 6.05 13.22
CA ILE B 23 11.91 7.09 13.31
C ILE B 23 11.32 8.48 13.49
N ALA B 24 10.28 8.85 12.73
CA ALA B 24 9.67 10.17 12.88
C ALA B 24 9.12 10.35 14.30
N THR B 25 8.50 9.29 14.85
CA THR B 25 7.94 9.27 16.20
C THR B 25 9.04 9.44 17.23
N GLY B 26 10.07 8.61 17.14
CA GLY B 26 11.24 8.66 18.02
C GLY B 26 11.86 10.04 18.10
N LEU B 27 12.01 10.71 16.94
CA LEU B 27 12.56 12.07 16.87
C LEU B 27 11.62 13.05 17.58
N ALA B 28 10.30 12.88 17.38
CA ALA B 28 9.29 13.73 18.02
C ALA B 28 9.34 13.57 19.52
N GLN B 29 9.48 12.31 19.98
CA GLN B 29 9.59 11.99 21.40
C GLN B 29 10.77 12.74 22.01
N LYS B 30 11.88 12.84 21.27
CA LYS B 30 13.08 13.54 21.73
C LYS B 30 12.93 15.07 21.68
N GLY B 31 11.69 15.55 21.51
CA GLY B 31 11.38 16.97 21.50
C GLY B 31 11.67 17.71 20.22
N LYS B 32 12.10 16.99 19.18
CA LYS B 32 12.38 17.58 17.87
C LYS B 32 11.10 17.64 17.05
N LYS B 33 10.66 18.85 16.66
CA LYS B 33 9.47 19.02 15.84
C LYS B 33 9.67 18.34 14.47
N THR B 34 8.90 17.28 14.20
CA THR B 34 9.07 16.46 13.00
C THR B 34 7.82 16.28 12.17
N VAL B 35 8.00 16.24 10.85
CA VAL B 35 6.92 15.89 9.93
C VAL B 35 7.36 14.70 9.08
N VAL B 36 6.47 13.72 8.87
CA VAL B 36 6.77 12.59 8.00
C VAL B 36 5.81 12.66 6.81
N ILE B 37 6.35 12.65 5.59
CA ILE B 37 5.57 12.80 4.36
C ILE B 37 5.52 11.54 3.53
N ASP B 38 4.32 11.14 3.10
CA ASP B 38 4.15 9.98 2.24
C ASP B 38 4.30 10.42 0.77
N PHE B 39 5.36 9.95 0.10
CA PHE B 39 5.64 10.31 -1.30
C PHE B 39 5.04 9.33 -2.31
N ALA B 40 4.25 8.36 -1.84
CA ALA B 40 3.65 7.36 -2.73
C ALA B 40 2.64 7.93 -3.73
N ILE B 41 2.54 7.26 -4.87
CA ILE B 41 1.64 7.62 -5.94
C ILE B 41 0.46 6.64 -6.02
N GLY B 42 -0.64 7.04 -5.40
CA GLY B 42 -1.87 6.27 -5.47
C GLY B 42 -2.07 5.15 -4.47
N LEU B 43 -1.09 4.99 -3.58
CA LEU B 43 -1.17 3.99 -2.53
C LEU B 43 -0.87 4.70 -1.22
N ARG B 44 -1.85 4.72 -0.34
CA ARG B 44 -1.76 5.38 0.96
C ARG B 44 -1.43 4.32 2.00
N ASN B 45 -0.14 4.22 2.40
CA ASN B 45 0.25 3.24 3.41
C ASN B 45 0.77 3.90 4.71
N LEU B 46 1.29 5.16 4.64
CA LEU B 46 1.78 5.86 5.83
C LEU B 46 0.68 6.14 6.85
N ASP B 47 -0.44 6.71 6.41
CA ASP B 47 -1.58 7.00 7.27
C ASP B 47 -2.08 5.74 7.96
N LEU B 48 -1.99 4.57 7.30
CA LEU B 48 -2.42 3.29 7.87
C LEU B 48 -1.51 2.85 9.02
N ILE B 49 -0.20 3.09 8.91
CA ILE B 49 0.74 2.67 9.92
C ILE B 49 0.78 3.66 11.10
N MET B 50 0.54 4.96 10.83
CA MET B 50 0.48 6.01 11.85
C MET B 50 -0.85 6.01 12.59
N GLY B 51 -1.80 5.25 12.07
CA GLY B 51 -3.14 5.11 12.63
C GLY B 51 -4.05 6.30 12.44
N CYS B 52 -3.84 7.08 11.39
CA CYS B 52 -4.67 8.25 11.17
C CYS B 52 -5.33 8.19 9.79
N GLU B 53 -5.63 6.96 9.30
CA GLU B 53 -6.22 6.76 7.97
C GLU B 53 -7.56 7.45 7.82
N ARG B 54 -8.24 7.71 8.94
CA ARG B 54 -9.57 8.28 8.91
C ARG B 54 -9.59 9.79 9.11
N ARG B 55 -8.45 10.41 9.44
CA ARG B 55 -8.38 11.87 9.63
C ARG B 55 -7.82 12.55 8.38
N VAL B 56 -7.57 11.75 7.34
CA VAL B 56 -7.00 12.27 6.10
C VAL B 56 -8.05 13.05 5.32
N VAL B 57 -7.91 14.39 5.28
CA VAL B 57 -8.83 15.25 4.52
C VAL B 57 -8.14 15.71 3.25
N TYR B 58 -7.03 16.41 3.40
CA TYR B 58 -6.25 16.90 2.27
C TYR B 58 -4.90 16.24 2.27
N ASP B 59 -4.32 16.03 1.08
CA ASP B 59 -3.04 15.35 0.96
C ASP B 59 -1.97 16.22 0.29
N PHE B 60 -0.81 15.60 0.09
CA PHE B 60 0.38 16.23 -0.44
C PHE B 60 0.09 16.92 -1.77
N VAL B 61 -0.59 16.24 -2.70
CA VAL B 61 -0.90 16.79 -4.01
C VAL B 61 -1.94 17.92 -3.90
N ASN B 62 -2.86 17.84 -2.94
CA ASN B 62 -3.82 18.92 -2.73
C ASN B 62 -3.09 20.22 -2.38
N VAL B 63 -2.06 20.14 -1.54
CA VAL B 63 -1.27 21.31 -1.14
C VAL B 63 -0.48 21.88 -2.30
N ILE B 64 0.08 21.01 -3.16
CA ILE B 64 0.87 21.44 -4.31
C ILE B 64 -0.01 22.16 -5.33
N GLN B 65 -1.24 21.70 -5.53
CA GLN B 65 -2.14 22.31 -6.50
C GLN B 65 -2.98 23.46 -5.91
N GLY B 66 -2.64 23.92 -4.71
CA GLY B 66 -3.31 25.03 -4.04
C GLY B 66 -4.77 24.82 -3.66
N ASP B 67 -5.20 23.56 -3.52
CA ASP B 67 -6.57 23.24 -3.09
C ASP B 67 -6.63 23.21 -1.58
N ALA B 68 -5.48 23.28 -0.91
CA ALA B 68 -5.42 23.24 0.53
C ALA B 68 -4.12 23.82 1.04
N THR B 69 -4.15 24.37 2.26
CA THR B 69 -2.94 24.92 2.89
C THR B 69 -2.21 23.81 3.58
N LEU B 70 -0.92 24.04 3.90
CA LEU B 70 -0.13 23.07 4.63
C LEU B 70 -0.80 22.78 5.97
N ASN B 71 -1.42 23.81 6.57
CA ASN B 71 -2.16 23.68 7.82
C ASN B 71 -3.40 22.80 7.68
N GLN B 72 -4.07 22.85 6.54
CA GLN B 72 -5.25 22.02 6.31
C GLN B 72 -4.89 20.56 6.05
N ALA B 73 -3.74 20.29 5.41
CA ALA B 73 -3.37 18.91 5.08
C ALA B 73 -2.57 18.21 6.17
N LEU B 74 -1.79 18.96 6.97
CA LEU B 74 -1.01 18.35 8.04
C LEU B 74 -1.92 17.78 9.10
N ILE B 75 -1.61 16.57 9.54
CA ILE B 75 -2.37 15.91 10.59
C ILE B 75 -1.47 15.88 11.80
N LYS B 76 -1.88 16.56 12.90
CA LYS B 76 -1.09 16.53 14.12
C LYS B 76 -1.38 15.22 14.82
N ASP B 77 -0.33 14.43 15.11
CA ASP B 77 -0.50 13.17 15.83
C ASP B 77 -1.09 13.46 17.19
N LYS B 78 -2.04 12.63 17.62
CA LYS B 78 -2.72 12.82 18.89
C LYS B 78 -1.97 12.14 20.04
N ARG B 79 -1.24 11.06 19.74
CA ARG B 79 -0.54 10.23 20.71
C ARG B 79 0.82 10.77 21.12
N THR B 80 1.54 11.38 20.19
CA THR B 80 2.87 11.90 20.47
C THR B 80 2.93 13.38 20.19
N GLU B 81 3.44 14.14 21.16
CA GLU B 81 3.65 15.56 20.97
C GLU B 81 4.79 15.77 19.97
N ASN B 82 4.75 16.90 19.22
CA ASN B 82 5.80 17.31 18.28
C ASN B 82 5.79 16.58 16.92
N LEU B 83 4.77 15.75 16.66
CA LEU B 83 4.72 14.93 15.45
C LEU B 83 3.59 15.28 14.50
N TYR B 84 3.89 15.32 13.19
CA TYR B 84 2.91 15.67 12.14
C TYR B 84 3.05 14.74 10.94
N ILE B 85 1.94 14.54 10.21
CA ILE B 85 1.92 13.65 9.05
C ILE B 85 1.34 14.35 7.84
N LEU B 86 2.02 14.29 6.69
CA LEU B 86 1.47 14.81 5.45
C LEU B 86 1.16 13.59 4.57
N PRO B 87 -0.13 13.26 4.33
CA PRO B 87 -0.40 11.98 3.63
C PRO B 87 -0.34 12.06 2.11
N ALA B 88 -0.23 10.88 1.48
CA ALA B 88 -0.06 10.71 0.05
C ALA B 88 -1.32 10.95 -0.75
N SER B 89 -1.16 11.39 -2.00
CA SER B 89 -2.29 11.49 -2.93
C SER B 89 -2.79 10.05 -3.30
N GLN B 90 -4.01 9.98 -3.85
CA GLN B 90 -4.59 8.69 -4.26
C GLN B 90 -5.04 8.68 -5.76
N THR B 91 -4.30 9.41 -6.61
CA THR B 91 -4.51 9.44 -8.06
C THR B 91 -3.53 8.47 -8.69
N ARG B 92 -3.89 7.81 -9.80
CA ARG B 92 -2.98 6.89 -10.46
C ARG B 92 -1.86 7.67 -11.23
N ASP B 93 -1.89 9.06 -11.13
CA ASP B 93 -1.01 10.09 -11.77
C ASP B 93 0.46 10.13 -11.29
N LYS B 94 1.36 9.81 -12.26
CA LYS B 94 2.83 9.82 -12.18
C LYS B 94 3.32 11.24 -11.87
N ASP B 95 2.89 12.22 -12.67
CA ASP B 95 3.30 13.61 -12.47
C ASP B 95 2.86 14.11 -11.09
N ALA B 96 1.87 14.99 -11.08
CA ALA B 96 1.36 15.56 -9.85
C ALA B 96 2.49 16.13 -9.00
N LEU B 97 3.26 15.25 -8.37
CA LEU B 97 4.36 15.67 -7.52
C LEU B 97 5.46 16.34 -8.35
N THR B 98 5.32 17.64 -8.59
CA THR B 98 6.30 18.40 -9.37
C THR B 98 7.50 18.74 -8.51
N ARG B 99 8.66 18.88 -9.15
CA ARG B 99 9.92 19.28 -8.51
C ARG B 99 9.75 20.66 -7.86
N GLU B 100 9.13 21.59 -8.59
CA GLU B 100 8.90 22.93 -8.08
C GLU B 100 7.91 22.91 -6.93
N GLY B 101 6.88 22.07 -7.05
CA GLY B 101 5.85 21.92 -6.04
C GLY B 101 6.40 21.38 -4.74
N VAL B 102 7.14 20.27 -4.82
CA VAL B 102 7.74 19.61 -3.66
C VAL B 102 8.70 20.59 -2.96
N ALA B 103 9.48 21.35 -3.73
CA ALA B 103 10.43 22.30 -3.18
C ALA B 103 9.71 23.39 -2.38
N LYS B 104 8.58 23.88 -2.90
CA LYS B 104 7.77 24.91 -2.26
C LYS B 104 7.22 24.42 -0.92
N VAL B 105 6.71 23.18 -0.88
CA VAL B 105 6.21 22.55 0.35
C VAL B 105 7.33 22.46 1.38
N LEU B 106 8.52 21.97 0.97
CA LEU B 106 9.65 21.79 1.88
C LEU B 106 10.08 23.12 2.49
N ASP B 107 10.09 24.21 1.70
CA ASP B 107 10.46 25.52 2.22
C ASP B 107 9.44 26.01 3.25
N ASP B 108 8.14 25.79 2.98
CA ASP B 108 7.09 26.16 3.92
C ASP B 108 7.26 25.43 5.24
N LEU B 109 7.66 24.15 5.18
CA LEU B 109 7.86 23.34 6.38
C LEU B 109 9.04 23.85 7.19
N LYS B 110 10.14 24.24 6.52
CA LYS B 110 11.31 24.82 7.20
C LYS B 110 10.86 26.10 7.90
N ALA B 111 10.00 26.89 7.22
CA ALA B 111 9.47 28.16 7.74
C ALA B 111 8.57 27.93 8.94
N MET B 112 7.94 26.76 9.04
CA MET B 112 7.09 26.42 10.17
C MET B 112 7.92 25.87 11.32
N ASP B 113 9.26 25.90 11.19
CA ASP B 113 10.21 25.51 12.21
C ASP B 113 10.31 23.99 12.46
N PHE B 114 10.08 23.17 11.42
CA PHE B 114 10.29 21.74 11.55
C PHE B 114 11.80 21.48 11.53
N GLU B 115 12.29 20.71 12.50
CA GLU B 115 13.70 20.33 12.57
C GLU B 115 14.00 19.16 11.65
N PHE B 116 13.05 18.23 11.56
CA PHE B 116 13.21 17.02 10.79
C PHE B 116 12.05 16.81 9.85
N ILE B 117 12.37 16.64 8.57
CA ILE B 117 11.40 16.34 7.54
C ILE B 117 11.71 14.94 7.04
N VAL B 118 10.96 13.93 7.50
CA VAL B 118 11.17 12.55 7.09
C VAL B 118 10.35 12.24 5.84
N CYS B 119 11.02 11.90 4.74
CA CYS B 119 10.36 11.57 3.47
C CYS B 119 10.20 10.04 3.30
N ASP B 120 8.97 9.53 3.50
CA ASP B 120 8.70 8.11 3.30
C ASP B 120 8.55 7.82 1.81
N SER B 121 9.63 7.37 1.19
CA SER B 121 9.63 7.06 -0.23
C SER B 121 8.91 5.80 -0.58
N PRO B 122 8.30 5.76 -1.78
CA PRO B 122 7.74 4.51 -2.30
C PRO B 122 8.86 3.57 -2.84
N ALA B 123 8.48 2.33 -3.25
CA ALA B 123 9.38 1.36 -3.88
C ALA B 123 9.74 1.87 -5.28
N GLY B 124 10.67 1.20 -5.93
CA GLY B 124 11.04 1.50 -7.30
C GLY B 124 12.11 2.55 -7.46
N ILE B 125 12.37 2.89 -8.71
CA ILE B 125 13.41 3.83 -9.11
C ILE B 125 12.81 4.92 -10.03
N GLU B 126 11.47 4.84 -10.21
CA GLU B 126 10.70 5.67 -11.13
C GLU B 126 10.46 7.10 -10.58
N THR B 127 9.21 7.57 -10.60
CA THR B 127 8.85 8.95 -10.28
C THR B 127 8.83 9.30 -8.78
N GLY B 128 7.94 8.65 -8.01
CA GLY B 128 7.74 8.94 -6.60
C GLY B 128 8.99 8.82 -5.77
N ALA B 129 9.82 7.80 -6.09
CA ALA B 129 11.07 7.47 -5.40
C ALA B 129 12.14 8.50 -5.72
N LEU B 130 12.21 8.89 -7.00
CA LEU B 130 13.16 9.90 -7.42
C LEU B 130 12.86 11.26 -6.75
N MET B 131 11.59 11.61 -6.65
CA MET B 131 11.13 12.85 -6.02
C MET B 131 11.42 12.93 -4.52
N ALA B 132 11.39 11.79 -3.83
CA ALA B 132 11.60 11.76 -2.39
C ALA B 132 13.07 11.92 -2.02
N LEU B 133 13.99 11.48 -2.90
CA LEU B 133 15.43 11.55 -2.61
C LEU B 133 16.04 12.82 -3.17
N TYR B 134 15.46 13.36 -4.23
CA TYR B 134 15.98 14.55 -4.90
C TYR B 134 16.44 15.68 -3.96
N PHE B 135 15.64 16.05 -2.94
CA PHE B 135 16.00 17.15 -2.05
C PHE B 135 16.59 16.71 -0.74
N ALA B 136 16.85 15.42 -0.59
CA ALA B 136 17.35 14.89 0.66
C ALA B 136 18.72 15.39 1.03
N ASP B 137 18.97 15.45 2.34
CA ASP B 137 20.28 15.75 2.91
C ASP B 137 20.85 14.44 3.36
N GLU B 138 19.97 13.49 3.68
CA GLU B 138 20.37 12.15 4.09
C GLU B 138 19.45 11.10 3.53
N ALA B 139 19.96 9.89 3.36
CA ALA B 139 19.17 8.77 2.86
C ALA B 139 19.36 7.59 3.76
N ILE B 140 18.25 6.95 4.14
CA ILE B 140 18.27 5.75 4.94
C ILE B 140 17.91 4.63 3.97
N ILE B 141 18.90 3.86 3.53
CA ILE B 141 18.68 2.74 2.60
C ILE B 141 18.21 1.54 3.43
N THR B 142 16.93 1.18 3.28
CA THR B 142 16.30 0.12 4.06
C THR B 142 16.44 -1.22 3.33
N THR B 143 17.04 -2.21 4.01
CA THR B 143 17.39 -3.48 3.39
C THR B 143 17.13 -4.70 4.27
N ASN B 144 16.77 -5.82 3.65
CA ASN B 144 16.64 -7.11 4.34
C ASN B 144 17.83 -7.97 4.02
N PRO B 145 18.17 -8.94 4.88
CA PRO B 145 19.25 -9.88 4.54
C PRO B 145 18.74 -10.88 3.50
N GLU B 146 18.39 -10.38 2.31
CA GLU B 146 17.81 -11.18 1.24
C GLU B 146 18.34 -10.68 -0.10
N VAL B 147 18.44 -11.58 -1.07
CA VAL B 147 19.08 -11.37 -2.36
C VAL B 147 18.43 -10.27 -3.25
N SER B 148 17.11 -10.26 -3.38
CA SER B 148 16.39 -9.24 -4.17
C SER B 148 16.57 -7.84 -3.58
N SER B 149 16.50 -7.75 -2.24
CA SER B 149 16.59 -6.49 -1.50
C SER B 149 17.97 -5.89 -1.58
N VAL B 150 19.01 -6.72 -1.42
CA VAL B 150 20.38 -6.23 -1.53
C VAL B 150 20.65 -5.79 -2.98
N ARG B 151 20.14 -6.53 -3.99
CA ARG B 151 20.35 -6.13 -5.38
C ARG B 151 19.69 -4.79 -5.68
N ASP B 152 18.44 -4.60 -5.22
CA ASP B 152 17.68 -3.38 -5.48
C ASP B 152 18.20 -2.17 -4.70
N SER B 153 18.79 -2.39 -3.50
CA SER B 153 19.39 -1.32 -2.70
C SER B 153 20.62 -0.82 -3.42
N ASP B 154 21.38 -1.73 -4.06
CA ASP B 154 22.56 -1.32 -4.78
C ASP B 154 22.17 -0.44 -5.95
N ARG B 155 21.07 -0.76 -6.67
CA ARG B 155 20.61 0.04 -7.80
C ARG B 155 20.29 1.45 -7.32
N ILE B 156 19.61 1.57 -6.17
CA ILE B 156 19.24 2.83 -5.52
C ILE B 156 20.48 3.66 -5.14
N LEU B 157 21.58 3.00 -4.71
CA LEU B 157 22.80 3.73 -4.37
C LEU B 157 23.42 4.34 -5.60
N GLY B 158 23.31 3.65 -6.74
CA GLY B 158 23.77 4.11 -8.04
C GLY B 158 23.04 5.37 -8.44
N ILE B 159 21.72 5.43 -8.20
CA ILE B 159 20.93 6.61 -8.51
C ILE B 159 21.27 7.75 -7.51
N LEU B 160 21.39 7.46 -6.19
CA LEU B 160 21.74 8.50 -5.22
C LEU B 160 23.09 9.15 -5.52
N ALA B 161 24.02 8.36 -6.12
CA ALA B 161 25.39 8.79 -6.41
C ALA B 161 25.57 9.43 -7.76
N SER B 162 24.56 9.42 -8.63
CA SER B 162 24.81 10.05 -9.91
C SER B 162 24.35 11.55 -9.91
N LYS B 163 24.77 12.17 -8.80
CA LYS B 163 24.54 13.53 -8.36
C LYS B 163 25.84 14.34 -8.29
N SER B 164 27.02 13.68 -8.46
CA SER B 164 28.31 14.35 -8.47
C SER B 164 28.50 15.05 -9.81
N GLU B 172 27.11 19.80 -0.71
CA GLU B 172 27.26 18.77 0.31
C GLU B 172 26.52 17.49 -0.13
N PRO B 173 27.24 16.36 -0.33
CA PRO B 173 26.56 15.15 -0.84
C PRO B 173 25.59 14.49 0.14
N ILE B 174 24.62 13.70 -0.41
CA ILE B 174 23.65 12.99 0.41
C ILE B 174 24.41 12.06 1.35
N LYS B 175 24.20 12.24 2.68
CA LYS B 175 24.81 11.38 3.69
C LYS B 175 24.03 10.06 3.67
N GLU B 176 24.68 8.91 3.36
CA GLU B 176 23.97 7.64 3.26
C GLU B 176 24.13 6.73 4.45
N HIS B 177 23.05 6.05 4.84
CA HIS B 177 23.04 5.13 5.97
C HIS B 177 22.31 3.86 5.64
N LEU B 178 22.78 2.74 6.16
CA LEU B 178 22.14 1.46 5.96
C LEU B 178 21.30 1.10 7.17
N LEU B 179 20.03 0.84 6.94
CA LEU B 179 19.12 0.37 7.98
C LEU B 179 18.81 -1.08 7.67
N LEU B 180 19.55 -2.02 8.30
CA LEU B 180 19.35 -3.45 8.06
C LEU B 180 18.15 -3.88 8.85
N THR B 181 17.14 -4.39 8.15
CA THR B 181 15.88 -4.66 8.82
C THR B 181 15.43 -6.11 8.68
N ARG B 182 14.67 -6.58 9.67
CA ARG B 182 14.18 -7.97 9.74
C ARG B 182 15.34 -8.93 9.92
N TYR B 183 16.31 -8.54 10.74
CA TYR B 183 17.48 -9.36 11.02
C TYR B 183 17.15 -10.51 11.99
N ASN B 184 17.83 -11.66 11.84
CA ASN B 184 17.58 -12.83 12.68
C ASN B 184 18.92 -13.52 12.99
N PRO B 185 19.57 -13.15 14.12
CA PRO B 185 20.91 -13.67 14.44
C PRO B 185 21.01 -15.19 14.44
N GLY B 186 19.96 -15.85 14.90
CA GLY B 186 19.88 -17.32 14.93
C GLY B 186 19.95 -17.90 13.55
N ARG B 187 19.23 -17.29 12.61
CA ARG B 187 19.24 -17.72 11.22
C ARG B 187 20.61 -17.50 10.61
N VAL B 188 21.30 -16.41 10.99
CA VAL B 188 22.62 -16.10 10.47
C VAL B 188 23.62 -17.18 10.89
N SER B 189 23.60 -17.57 12.17
CA SER B 189 24.58 -18.55 12.67
C SER B 189 24.33 -19.97 12.13
N ARG B 190 23.07 -20.33 11.79
CA ARG B 190 22.80 -21.63 11.18
C ARG B 190 23.13 -21.59 9.67
N GLY B 191 23.67 -20.46 9.20
CA GLY B 191 24.06 -20.26 7.81
C GLY B 191 22.91 -20.11 6.83
N ASP B 192 21.74 -19.69 7.29
CA ASP B 192 20.59 -19.53 6.41
C ASP B 192 20.32 -18.10 5.97
N MET B 193 21.00 -17.15 6.59
CA MET B 193 20.73 -15.75 6.32
C MET B 193 22.00 -14.95 6.25
N LEU B 194 22.08 -14.06 5.25
CA LEU B 194 23.19 -13.13 5.11
C LEU B 194 23.35 -12.42 6.42
N SER B 195 24.59 -12.31 6.90
CA SER B 195 24.88 -11.62 8.15
C SER B 195 24.95 -10.13 7.91
N MET B 196 24.95 -9.38 9.01
CA MET B 196 25.12 -7.94 8.96
C MET B 196 26.39 -7.59 8.20
N GLU B 197 27.49 -8.30 8.49
CA GLU B 197 28.78 -8.04 7.85
C GLU B 197 28.76 -8.37 6.37
N ASP B 198 28.08 -9.46 5.96
CA ASP B 198 27.96 -9.78 4.54
C ASP B 198 27.32 -8.63 3.80
N VAL B 199 26.26 -8.03 4.40
CA VAL B 199 25.51 -6.95 3.75
C VAL B 199 26.38 -5.68 3.69
N LEU B 200 27.19 -5.42 4.70
CA LEU B 200 28.06 -4.25 4.66
C LEU B 200 29.19 -4.41 3.64
N GLU B 201 29.73 -5.64 3.48
CA GLU B 201 30.79 -5.86 2.51
C GLU B 201 30.26 -5.62 1.09
N ILE B 202 28.94 -5.77 0.88
CA ILE B 202 28.36 -5.54 -0.45
C ILE B 202 27.96 -4.07 -0.65
N LEU B 203 27.04 -3.55 0.18
CA LEU B 203 26.60 -2.15 0.10
C LEU B 203 27.50 -1.40 1.04
N ARG B 204 28.60 -0.84 0.56
CA ARG B 204 29.58 -0.30 1.47
C ARG B 204 29.26 1.08 1.98
N ILE B 205 28.34 1.13 2.95
CA ILE B 205 27.89 2.37 3.58
C ILE B 205 27.80 2.19 5.09
N LYS B 206 27.72 3.31 5.82
CA LYS B 206 27.67 3.34 7.27
C LYS B 206 26.39 2.73 7.83
N LEU B 207 26.52 1.81 8.78
CA LEU B 207 25.36 1.21 9.44
C LEU B 207 24.75 2.21 10.41
N VAL B 208 23.43 2.43 10.34
CA VAL B 208 22.75 3.34 11.24
C VAL B 208 21.80 2.60 12.18
N GLY B 209 21.37 1.41 11.80
CA GLY B 209 20.50 0.62 12.66
C GLY B 209 20.31 -0.80 12.19
N VAL B 210 19.93 -1.68 13.12
CA VAL B 210 19.61 -3.07 12.82
C VAL B 210 18.31 -3.39 13.53
N ILE B 211 17.26 -3.64 12.78
CA ILE B 211 15.95 -3.93 13.36
C ILE B 211 15.73 -5.41 13.37
N PRO B 212 15.59 -6.04 14.55
CA PRO B 212 15.37 -7.48 14.54
C PRO B 212 13.98 -7.84 14.05
N GLU B 213 13.85 -9.07 13.49
CA GLU B 213 12.56 -9.64 13.17
C GLU B 213 11.82 -9.64 14.47
N ASP B 214 10.64 -9.07 14.50
CA ASP B 214 9.92 -9.00 15.76
C ASP B 214 8.44 -9.20 15.54
N GLN B 215 7.82 -10.06 16.34
CA GLN B 215 6.39 -10.29 16.21
C GLN B 215 5.58 -9.06 16.64
N SER B 216 6.26 -8.05 17.24
CA SER B 216 5.60 -6.82 17.69
C SER B 216 5.24 -5.91 16.51
N VAL B 217 5.94 -6.05 15.37
CA VAL B 217 5.71 -5.19 14.21
C VAL B 217 4.35 -5.47 13.56
N LEU B 218 3.95 -6.75 13.45
CA LEU B 218 2.63 -7.05 12.88
C LEU B 218 1.54 -6.51 13.80
N ARG B 219 1.69 -6.70 15.12
CA ARG B 219 0.75 -6.18 16.12
C ARG B 219 0.68 -4.66 16.09
N ALA B 220 1.79 -3.98 15.79
CA ALA B 220 1.82 -2.53 15.72
C ALA B 220 1.06 -1.98 14.53
N SER B 221 1.25 -2.53 13.31
CA SER B 221 0.50 -2.03 12.16
C SER B 221 -0.98 -2.42 12.26
N ASN B 222 -1.31 -3.55 12.93
CA ASN B 222 -2.70 -3.96 13.16
C ASN B 222 -3.46 -2.86 13.89
N GLN B 223 -2.80 -2.22 14.87
CA GLN B 223 -3.37 -1.13 15.68
C GLN B 223 -3.17 0.25 15.10
N GLY B 224 -2.27 0.40 14.14
CA GLY B 224 -1.93 1.71 13.59
C GLY B 224 -1.13 2.50 14.61
N GLU B 225 -0.18 1.81 15.26
CA GLU B 225 0.66 2.37 16.30
C GLU B 225 2.13 2.03 15.99
N PRO B 226 2.93 3.03 15.59
CA PRO B 226 4.35 2.79 15.24
C PRO B 226 5.05 1.97 16.32
N VAL B 227 5.89 1.02 15.93
CA VAL B 227 6.48 0.04 16.83
C VAL B 227 7.41 0.62 17.92
N ILE B 228 7.88 1.84 17.78
CA ILE B 228 8.72 2.44 18.80
C ILE B 228 7.91 2.73 20.07
N LEU B 229 6.59 2.87 19.94
CA LEU B 229 5.70 3.16 21.07
C LEU B 229 5.47 1.94 21.97
N ASP B 230 5.82 0.74 21.50
CA ASP B 230 5.72 -0.47 22.28
C ASP B 230 7.05 -0.64 23.02
N ILE B 231 7.08 -0.23 24.28
CA ILE B 231 8.30 -0.18 25.07
C ILE B 231 8.91 -1.57 25.37
N ASN B 232 8.16 -2.65 25.11
CA ASN B 232 8.67 -4.01 25.29
C ASN B 232 9.16 -4.65 24.01
N ALA B 233 8.96 -4.01 22.85
CA ALA B 233 9.33 -4.57 21.55
C ALA B 233 10.79 -4.34 21.22
N ASP B 234 11.50 -5.43 20.85
CA ASP B 234 12.91 -5.32 20.50
C ASP B 234 13.10 -4.42 19.27
N ALA B 235 12.18 -4.53 18.29
CA ALA B 235 12.21 -3.67 17.12
C ALA B 235 12.05 -2.22 17.53
N GLY B 236 11.23 -1.95 18.55
CA GLY B 236 11.03 -0.61 19.08
C GLY B 236 12.31 -0.05 19.66
N LYS B 237 12.97 -0.83 20.49
CA LYS B 237 14.22 -0.40 21.12
C LYS B 237 15.32 -0.15 20.06
N ALA B 238 15.41 -1.01 19.01
CA ALA B 238 16.41 -0.84 17.97
C ALA B 238 16.16 0.43 17.14
N TYR B 239 14.88 0.84 17.02
CA TYR B 239 14.50 2.07 16.34
C TYR B 239 14.84 3.27 17.21
N ALA B 240 14.71 3.13 18.55
CA ALA B 240 15.10 4.21 19.45
C ALA B 240 16.63 4.42 19.42
N ASP B 241 17.40 3.32 19.27
CA ASP B 241 18.86 3.40 19.09
C ASP B 241 19.20 4.14 17.81
N THR B 242 18.52 3.77 16.70
CA THR B 242 18.70 4.43 15.40
C THR B 242 18.51 5.95 15.55
N VAL B 243 17.42 6.37 16.20
CA VAL B 243 17.11 7.79 16.43
C VAL B 243 18.28 8.46 17.18
N GLU B 244 18.83 7.80 18.21
CA GLU B 244 20.00 8.32 18.92
C GLU B 244 21.17 8.55 17.97
N ARG B 245 21.44 7.58 17.08
CA ARG B 245 22.54 7.67 16.13
C ARG B 245 22.32 8.80 15.13
N LEU B 246 21.06 9.07 14.78
CA LEU B 246 20.74 10.15 13.86
C LEU B 246 20.93 11.49 14.54
N LEU B 247 20.84 11.52 15.88
CA LEU B 247 21.02 12.73 16.66
C LEU B 247 22.49 12.93 17.05
N GLY B 248 23.36 12.03 16.59
CA GLY B 248 24.81 12.12 16.77
C GLY B 248 25.42 11.34 17.90
N GLU B 249 24.61 10.56 18.64
CA GLU B 249 25.09 9.76 19.76
C GLU B 249 25.47 8.37 19.34
N GLU B 250 26.69 7.93 19.70
CA GLU B 250 27.06 6.55 19.41
C GLU B 250 26.29 5.63 20.34
N ARG B 251 25.87 4.47 19.83
CA ARG B 251 25.15 3.45 20.60
C ARG B 251 25.59 2.09 20.11
N PRO B 252 25.89 1.15 21.03
CA PRO B 252 26.26 -0.20 20.58
C PRO B 252 25.07 -0.87 19.92
N PHE B 253 25.36 -1.70 18.91
CA PHE B 253 24.34 -2.39 18.16
C PHE B 253 23.82 -3.58 18.92
N ARG B 254 22.54 -3.51 19.30
CA ARG B 254 21.88 -4.58 20.02
C ARG B 254 21.19 -5.50 19.05
N PHE B 255 20.83 -6.71 19.51
CA PHE B 255 20.08 -7.70 18.73
C PHE B 255 20.82 -8.14 17.45
N ILE B 256 22.16 -8.23 17.54
CA ILE B 256 22.98 -8.74 16.43
C ILE B 256 23.54 -10.12 16.80
N GLU B 257 23.56 -10.44 18.11
CA GLU B 257 23.96 -11.75 18.64
C GLU B 257 22.75 -12.37 19.31
N GLU B 258 22.68 -13.69 19.36
CA GLU B 258 21.52 -14.38 19.91
C GLU B 258 21.67 -14.72 21.39
N ASN C 2 -5.38 -8.46 21.78
CA ASN C 2 -5.87 -9.02 20.53
C ASN C 2 -5.98 -7.96 19.43
N THR C 3 -4.91 -7.84 18.64
CA THR C 3 -4.80 -6.81 17.61
C THR C 3 -5.34 -7.24 16.25
N ALA C 4 -5.56 -8.56 16.03
CA ALA C 4 -6.17 -9.04 14.78
C ALA C 4 -7.59 -8.49 14.65
N ASN C 5 -8.31 -8.35 15.78
CA ASN C 5 -9.66 -7.81 15.74
C ASN C 5 -9.66 -6.34 15.40
N ILE C 6 -8.72 -5.56 15.97
CA ILE C 6 -8.61 -4.14 15.66
C ILE C 6 -8.27 -3.97 14.17
N ALA C 7 -7.38 -4.79 13.65
CA ALA C 7 -6.97 -4.75 12.25
C ALA C 7 -8.17 -4.97 11.34
N LYS C 8 -8.99 -5.99 11.65
CA LYS C 8 -10.16 -6.33 10.86
C LYS C 8 -11.17 -5.18 10.77
N GLU C 9 -11.46 -4.52 11.91
CA GLU C 9 -12.42 -3.40 11.94
C GLU C 9 -11.89 -2.22 11.14
N ARG C 10 -10.61 -1.88 11.30
CA ARG C 10 -9.98 -0.73 10.62
C ARG C 10 -10.01 -0.91 9.12
N LEU C 11 -9.91 -2.17 8.71
CA LEU C 11 -9.89 -2.58 7.33
C LEU C 11 -11.21 -2.45 6.65
N GLN C 12 -12.27 -2.89 7.33
CA GLN C 12 -13.61 -2.86 6.77
C GLN C 12 -14.06 -1.44 6.52
N ASN C 13 -13.70 -0.49 7.41
CA ASN C 13 -14.04 0.92 7.29
C ASN C 13 -13.43 1.55 6.04
N ILE C 14 -12.23 1.08 5.64
CA ILE C 14 -11.52 1.60 4.46
C ILE C 14 -12.03 1.00 3.15
N VAL C 15 -12.27 -0.30 3.14
CA VAL C 15 -12.62 -1.04 1.95
C VAL C 15 -14.09 -0.83 1.64
N ALA C 16 -14.79 -0.42 2.75
CA ALA C 16 -16.10 0.15 2.51
C ALA C 16 -15.89 1.51 1.83
N GLU C 17 -14.91 2.33 2.31
CA GLU C 17 -14.55 3.64 1.74
C GLU C 17 -14.15 3.50 0.27
N ARG C 18 -13.31 2.50 -0.06
CA ARG C 18 -12.86 2.23 -1.42
C ARG C 18 -13.99 1.69 -2.29
N ARG C 19 -14.86 0.82 -1.74
CA ARG C 19 -16.02 0.25 -2.44
C ARG C 19 -17.01 1.37 -2.78
N ARG C 20 -17.11 2.36 -1.86
CA ARG C 20 -17.96 3.53 -1.96
C ARG C 20 -17.55 4.50 -3.01
N SER C 21 -16.27 4.85 -3.13
CA SER C 21 -15.80 5.89 -4.06
C SER C 21 -16.26 5.66 -5.50
N ASP C 22 -16.51 4.41 -5.87
CA ASP C 22 -16.93 4.12 -7.23
C ASP C 22 -18.44 4.30 -7.45
N ALA C 23 -19.20 4.57 -6.38
CA ALA C 23 -20.66 4.66 -6.46
C ALA C 23 -21.19 6.02 -6.84
N GLU C 24 -20.36 7.04 -6.72
CA GLU C 24 -20.82 8.40 -6.88
C GLU C 24 -19.99 9.23 -7.88
N PRO C 25 -20.39 10.52 -8.11
CA PRO C 25 -19.65 11.38 -9.05
C PRO C 25 -18.34 11.88 -8.49
N HIS C 26 -17.50 12.32 -9.40
CA HIS C 26 -16.14 12.79 -9.18
C HIS C 26 -16.12 14.18 -8.55
N TYR C 27 -17.30 14.81 -8.40
CA TYR C 27 -17.39 16.16 -7.86
C TYR C 27 -18.09 16.21 -6.55
N LEU C 28 -19.17 15.42 -6.40
CA LEU C 28 -19.95 15.43 -5.17
C LEU C 28 -19.07 15.25 -3.93
N PRO C 29 -18.14 14.26 -3.91
CA PRO C 29 -17.26 14.10 -2.74
C PRO C 29 -16.16 15.15 -2.68
N GLN C 30 -15.89 15.80 -3.82
CA GLN C 30 -14.90 16.85 -3.89
C GLN C 30 -15.43 18.09 -3.19
N LEU C 31 -16.73 18.36 -3.33
CA LEU C 31 -17.39 19.53 -2.76
C LEU C 31 -17.58 19.39 -1.29
N ARG C 32 -18.02 18.21 -0.83
CA ARG C 32 -18.26 17.98 0.57
C ARG C 32 -16.99 18.21 1.34
N LYS C 33 -15.88 17.63 0.86
CA LYS C 33 -14.59 17.79 1.49
C LYS C 33 -14.18 19.25 1.46
N ASP C 34 -14.60 19.96 0.41
CA ASP C 34 -14.25 21.37 0.29
C ASP C 34 -14.94 22.24 1.29
N ILE C 35 -16.23 22.03 1.57
CA ILE C 35 -17.00 23.01 2.32
C ILE C 35 -17.50 22.58 3.73
N LEU C 36 -17.78 21.30 3.87
CA LEU C 36 -18.26 20.82 5.16
C LEU C 36 -17.15 20.89 6.18
N GLU C 37 -15.95 20.52 5.76
CA GLU C 37 -14.77 20.62 6.62
C GLU C 37 -14.46 22.06 6.85
N VAL C 38 -14.77 22.94 5.88
CA VAL C 38 -14.58 24.38 5.98
C VAL C 38 -15.36 24.89 7.19
N ILE C 39 -16.63 24.48 7.42
CA ILE C 39 -17.30 24.94 8.65
C ILE C 39 -16.44 24.63 9.94
N CYS C 40 -15.14 24.36 9.77
CA CYS C 40 -14.13 24.19 10.82
C CYS C 40 -13.88 25.55 11.45
N LYS C 41 -13.63 26.61 10.64
CA LYS C 41 -13.37 27.97 11.12
C LYS C 41 -14.50 28.46 12.02
N TYR C 42 -15.74 28.03 11.73
CA TYR C 42 -16.88 28.43 12.50
C TYR C 42 -17.34 27.35 13.48
N VAL C 43 -16.86 26.13 13.36
CA VAL C 43 -17.33 25.23 14.39
C VAL C 43 -16.12 24.75 15.18
N GLN C 44 -15.31 23.85 14.56
CA GLN C 44 -14.01 23.27 14.93
C GLN C 44 -14.07 21.90 15.63
N ILE C 45 -14.06 20.86 14.82
CA ILE C 45 -13.99 19.48 15.27
C ILE C 45 -13.36 18.65 14.18
N ASP C 46 -12.61 17.64 14.55
CA ASP C 46 -12.02 16.77 13.56
C ASP C 46 -12.79 15.48 13.56
N PRO C 47 -12.80 14.80 12.40
CA PRO C 47 -13.43 13.49 12.27
C PRO C 47 -12.53 12.47 12.92
N GLU C 48 -13.03 11.81 13.94
CA GLU C 48 -14.43 11.95 14.35
C GLU C 48 -15.35 11.81 13.13
N MET C 49 -15.22 10.67 12.45
CA MET C 49 -15.98 10.42 11.23
C MET C 49 -17.22 11.29 11.27
N VAL C 50 -17.14 12.45 10.61
CA VAL C 50 -18.26 13.38 10.51
C VAL C 50 -19.14 12.74 9.47
N THR C 51 -19.85 11.71 9.92
CA THR C 51 -20.25 10.62 9.07
C THR C 51 -20.89 11.18 7.80
N VAL C 52 -20.93 10.31 6.81
CA VAL C 52 -21.46 10.58 5.47
C VAL C 52 -21.98 9.29 4.89
N GLN C 53 -23.25 9.29 4.48
CA GLN C 53 -23.86 8.10 3.90
C GLN C 53 -24.83 8.47 2.80
N LEU C 54 -24.58 7.93 1.60
CA LEU C 54 -25.48 8.14 0.47
C LEU C 54 -26.50 6.99 0.41
N GLU C 55 -27.72 7.33 0.06
CA GLU C 55 -28.76 6.33 -0.08
C GLU C 55 -29.47 6.56 -1.40
N GLN C 56 -30.39 5.66 -1.73
CA GLN C 56 -31.14 5.78 -2.97
C GLN C 56 -32.54 5.22 -2.79
N LYS C 57 -33.47 5.68 -3.62
CA LYS C 57 -34.85 5.18 -3.58
C LYS C 57 -35.12 4.34 -4.85
N ASP C 58 -36.19 3.56 -4.82
CA ASP C 58 -36.58 2.71 -5.94
C ASP C 58 -37.29 3.57 -7.02
N GLY C 59 -36.62 4.63 -7.48
CA GLY C 59 -37.17 5.53 -8.49
C GLY C 59 -36.16 6.47 -9.09
N ASP C 60 -34.89 5.99 -9.19
CA ASP C 60 -33.75 6.76 -9.72
C ASP C 60 -33.59 8.07 -8.95
N ILE C 61 -33.60 7.95 -7.63
CA ILE C 61 -33.47 9.08 -6.71
C ILE C 61 -32.32 8.77 -5.75
N SER C 62 -31.66 9.79 -5.22
CA SER C 62 -30.55 9.59 -4.29
C SER C 62 -30.85 10.27 -2.97
N ILE C 63 -30.06 9.98 -1.92
CA ILE C 63 -30.25 10.55 -0.58
C ILE C 63 -28.90 10.66 0.12
N LEU C 64 -28.17 11.77 -0.10
CA LEU C 64 -26.85 11.96 0.55
C LEU C 64 -27.08 12.49 1.98
N GLU C 65 -27.03 11.64 2.98
CA GLU C 65 -27.19 12.08 4.37
C GLU C 65 -25.83 12.14 5.05
N LEU C 66 -25.65 13.10 5.94
CA LEU C 66 -24.39 13.22 6.66
C LEU C 66 -24.65 13.51 8.13
N ASN C 67 -24.12 12.68 9.00
CA ASN C 67 -24.34 12.84 10.43
C ASN C 67 -23.31 13.74 11.03
N VAL C 68 -23.67 14.57 12.00
CA VAL C 68 -22.67 15.44 12.61
C VAL C 68 -22.68 15.21 14.12
N THR C 69 -21.93 14.21 14.58
CA THR C 69 -21.89 13.87 16.01
C THR C 69 -20.96 14.87 16.73
N LEU C 70 -21.56 15.88 17.37
CA LEU C 70 -20.77 16.89 18.08
C LEU C 70 -20.54 16.47 19.53
N PRO C 71 -19.30 16.65 20.07
CA PRO C 71 -19.02 16.26 21.46
C PRO C 71 -19.45 17.33 22.48
N ASN D 2 -60.87 17.40 1.14
CA ASN D 2 -60.63 17.43 2.58
C ASN D 2 -59.37 18.24 2.91
N THR D 3 -59.58 19.53 3.17
CA THR D 3 -58.48 20.46 3.42
C THR D 3 -58.07 20.55 4.89
N ALA D 4 -58.90 20.06 5.83
CA ALA D 4 -58.54 20.02 7.25
C ALA D 4 -57.31 19.14 7.45
N ASN D 5 -57.20 18.04 6.68
CA ASN D 5 -56.06 17.15 6.80
C ASN D 5 -54.80 17.80 6.28
N ILE D 6 -54.88 18.52 5.15
CA ILE D 6 -53.73 19.23 4.60
C ILE D 6 -53.26 20.30 5.59
N ALA D 7 -54.20 21.01 6.21
CA ALA D 7 -53.90 22.04 7.19
C ALA D 7 -53.13 21.46 8.36
N LYS D 8 -53.59 20.32 8.90
CA LYS D 8 -52.96 19.66 10.03
C LYS D 8 -51.51 19.27 9.75
N GLU D 9 -51.22 18.67 8.58
CA GLU D 9 -49.86 18.26 8.24
C GLU D 9 -48.94 19.47 8.09
N ARG D 10 -49.41 20.53 7.40
CA ARG D 10 -48.62 21.75 7.15
C ARG D 10 -48.23 22.43 8.43
N LEU D 11 -49.14 22.33 9.41
CA LEU D 11 -49.02 22.92 10.73
C LEU D 11 -47.99 22.25 11.59
N GLN D 12 -47.98 20.91 11.60
CA GLN D 12 -47.06 20.15 12.41
C GLN D 12 -45.64 20.35 11.98
N ASN D 13 -45.40 20.41 10.67
CA ASN D 13 -44.04 20.57 10.12
C ASN D 13 -43.40 21.91 10.48
N ILE D 14 -44.22 22.89 10.88
CA ILE D 14 -43.73 24.22 11.24
C ILE D 14 -43.55 24.37 12.73
N VAL D 15 -44.53 23.91 13.49
CA VAL D 15 -44.50 24.00 14.94
C VAL D 15 -43.45 22.97 15.44
N ALA D 16 -43.26 21.80 14.65
CA ALA D 16 -42.04 21.01 14.90
C ALA D 16 -40.85 21.92 14.64
N GLU D 17 -40.88 22.73 13.54
CA GLU D 17 -39.85 23.70 13.17
C GLU D 17 -39.66 24.73 14.30
N ARG D 18 -40.76 25.26 14.85
CA ARG D 18 -40.74 26.23 15.93
C ARG D 18 -40.26 25.63 17.23
N ARG D 19 -40.66 24.37 17.53
CA ARG D 19 -40.26 23.62 18.73
C ARG D 19 -38.75 23.37 18.68
N ARG D 20 -38.24 23.12 17.47
CA ARG D 20 -36.84 22.86 17.17
C ARG D 20 -35.94 24.03 17.36
N SER D 21 -36.31 25.22 16.87
CA SER D 21 -35.44 26.39 16.88
C SER D 21 -34.92 26.72 18.28
N ASP D 22 -35.65 26.33 19.32
CA ASP D 22 -35.22 26.64 20.68
C ASP D 22 -34.21 25.63 21.22
N ALA D 23 -33.97 24.52 20.50
CA ALA D 23 -33.02 23.49 20.93
C ALA D 23 -31.63 23.76 20.37
N GLU D 24 -31.61 24.33 19.16
CA GLU D 24 -30.41 24.69 18.44
C GLU D 24 -29.74 25.89 19.07
N PRO D 25 -28.45 26.12 18.77
CA PRO D 25 -27.78 27.32 19.26
C PRO D 25 -28.22 28.50 18.40
N HIS D 26 -27.55 29.61 18.53
CA HIS D 26 -27.97 30.74 17.73
C HIS D 26 -27.10 30.87 16.47
N TYR D 27 -26.04 30.05 16.37
CA TYR D 27 -25.11 30.14 15.25
C TYR D 27 -25.13 28.91 14.40
N LEU D 28 -25.23 27.72 15.01
CA LEU D 28 -25.21 26.48 14.25
C LEU D 28 -26.23 26.49 13.10
N PRO D 29 -27.50 26.92 13.34
CA PRO D 29 -28.47 26.98 12.24
C PRO D 29 -28.23 28.17 11.29
N GLN D 30 -27.49 29.15 11.78
CA GLN D 30 -27.15 30.31 10.98
C GLN D 30 -26.12 29.92 9.92
N LEU D 31 -25.18 29.04 10.29
CA LEU D 31 -24.10 28.59 9.42
C LEU D 31 -24.60 27.63 8.39
N ARG D 32 -25.44 26.68 8.78
CA ARG D 32 -25.97 25.70 7.86
C ARG D 32 -26.70 26.40 6.73
N LYS D 33 -27.56 27.37 7.08
CA LYS D 33 -28.31 28.14 6.09
C LYS D 33 -27.33 28.93 5.24
N ASP D 34 -26.21 29.33 5.83
CA ASP D 34 -25.23 30.09 5.09
C ASP D 34 -24.51 29.29 4.05
N ILE D 35 -24.11 28.06 4.33
CA ILE D 35 -23.18 27.34 3.46
C ILE D 35 -23.72 26.10 2.72
N LEU D 36 -24.66 25.41 3.36
CA LEU D 36 -25.22 24.23 2.75
C LEU D 36 -26.05 24.61 1.55
N GLU D 37 -26.82 25.71 1.69
CA GLU D 37 -27.61 26.23 0.59
C GLU D 37 -26.68 26.79 -0.45
N VAL D 38 -25.51 27.29 -0.03
CA VAL D 38 -24.47 27.82 -0.92
C VAL D 38 -24.06 26.72 -1.89
N ILE D 39 -23.83 25.46 -1.45
CA ILE D 39 -23.53 24.40 -2.44
C ILE D 39 -24.61 24.32 -3.58
N CYS D 40 -25.41 25.37 -3.74
CA CYS D 40 -26.38 25.59 -4.81
C CYS D 40 -25.60 25.85 -6.09
N LYS D 41 -24.62 26.78 -6.07
CA LYS D 41 -23.80 27.14 -7.24
C LYS D 41 -23.13 25.89 -7.82
N TYR D 42 -22.75 24.94 -6.96
CA TYR D 42 -22.10 23.74 -7.41
C TYR D 42 -23.04 22.55 -7.48
N VAL D 43 -24.24 22.64 -6.93
CA VAL D 43 -25.07 21.46 -7.13
C VAL D 43 -26.31 21.88 -7.93
N GLN D 44 -27.22 22.61 -7.25
CA GLN D 44 -28.44 23.29 -7.71
C GLN D 44 -29.76 22.49 -7.57
N ILE D 45 -30.38 22.64 -6.40
CA ILE D 45 -31.71 22.08 -6.11
C ILE D 45 -32.34 22.93 -5.03
N ASP D 46 -33.66 23.05 -5.03
CA ASP D 46 -34.32 23.82 -3.99
C ASP D 46 -34.97 22.84 -3.05
N PRO D 47 -35.23 23.20 -1.77
CA PRO D 47 -35.93 22.26 -0.89
C PRO D 47 -37.39 22.78 -0.89
N GLU D 48 -38.37 21.98 -1.28
CA GLU D 48 -38.12 20.57 -1.69
C GLU D 48 -37.26 19.60 -0.83
N MET D 49 -37.56 19.50 0.46
CA MET D 49 -36.71 18.76 1.42
C MET D 49 -35.26 18.31 1.05
N VAL D 50 -34.29 19.00 1.64
CA VAL D 50 -32.94 18.51 1.88
C VAL D 50 -32.84 18.50 3.40
N THR D 51 -33.21 17.37 4.01
CA THR D 51 -33.67 17.34 5.39
C THR D 51 -32.57 17.71 6.37
N VAL D 52 -32.99 18.19 7.56
CA VAL D 52 -32.09 18.52 8.64
C VAL D 52 -32.71 18.02 9.94
N GLN D 53 -31.96 17.20 10.68
CA GLN D 53 -32.44 16.63 11.94
C GLN D 53 -31.33 16.56 12.95
N LEU D 54 -31.54 17.18 14.11
CA LEU D 54 -30.56 17.12 15.20
C LEU D 54 -30.94 15.99 16.15
N GLU D 55 -29.94 15.28 16.65
CA GLU D 55 -30.16 14.21 17.61
C GLU D 55 -29.20 14.36 18.76
N GLN D 56 -29.33 13.51 19.77
CA GLN D 56 -28.46 13.58 20.94
C GLN D 56 -28.25 12.20 21.50
N LYS D 57 -27.13 12.01 22.22
CA LYS D 57 -26.83 10.72 22.85
C LYS D 57 -26.92 10.86 24.36
N ASP D 58 -27.00 9.71 25.05
CA ASP D 58 -27.09 9.67 26.51
C ASP D 58 -25.70 9.94 27.14
N GLY D 59 -25.10 11.08 26.79
CA GLY D 59 -23.78 11.45 27.30
C GLY D 59 -23.40 12.88 27.01
N ASP D 60 -24.41 13.78 26.94
CA ASP D 60 -24.25 15.20 26.64
C ASP D 60 -23.50 15.38 25.30
N ILE D 61 -24.00 14.65 24.30
CA ILE D 61 -23.45 14.67 22.94
C ILE D 61 -24.58 15.00 21.98
N SER D 62 -24.27 15.58 20.82
CA SER D 62 -25.30 15.92 19.84
C SER D 62 -25.02 15.21 18.53
N ILE D 63 -26.00 15.21 17.60
CA ILE D 63 -25.86 14.54 16.31
C ILE D 63 -26.67 15.30 15.26
N LEU D 64 -26.08 16.30 14.61
CA LEU D 64 -26.80 17.04 13.59
C LEU D 64 -26.70 16.32 12.24
N GLU D 65 -27.75 15.55 11.87
CA GLU D 65 -27.75 14.83 10.61
C GLU D 65 -28.57 15.61 9.59
N LEU D 66 -28.18 15.56 8.33
CA LEU D 66 -28.92 16.29 7.28
C LEU D 66 -29.01 15.42 6.04
N ASN D 67 -30.24 15.17 5.61
CA ASN D 67 -30.49 14.32 4.46
C ASN D 67 -30.49 15.15 3.19
N VAL D 68 -29.96 14.60 2.12
CA VAL D 68 -29.95 15.32 0.86
C VAL D 68 -30.60 14.44 -0.20
N THR D 69 -31.93 14.50 -0.29
CA THR D 69 -32.67 13.69 -1.26
C THR D 69 -32.58 14.34 -2.66
N LEU D 70 -31.67 13.84 -3.50
CA LEU D 70 -31.48 14.39 -4.83
C LEU D 70 -32.41 13.72 -5.83
N PRO D 71 -33.07 14.49 -6.71
CA PRO D 71 -34.00 13.88 -7.69
C PRO D 71 -33.28 13.37 -8.94
#